data_6EL0
#
_entry.id   6EL0
#
_cell.length_a   51.229
_cell.length_b   57.731
_cell.length_c   61.018
_cell.angle_alpha   90.00
_cell.angle_beta   109.70
_cell.angle_gamma   90.00
#
_symmetry.space_group_name_H-M   'P 1 21 1'
#
loop_
_entity.id
_entity.type
_entity.pdbx_description
1 polymer 'Aromatic peroxygenase'
2 non-polymer 'PROTOPORPHYRIN IX CONTAINING FE'
3 non-polymer 'MAGNESIUM ION'
4 non-polymer 'CHLORIDE ION'
5 non-polymer 2-acetamido-2-deoxy-beta-D-glucopyranose
6 non-polymer 'PHOSPHATE ION'
7 non-polymer GLYCEROL
8 non-polymer ethenylbenzene
9 water water
#
_entity_poly.entity_id   1
_entity_poly.type   'polypeptide(L)'
_entity_poly.pdbx_seq_one_letter_code
;EPGLPPGPLENSSAKLVNDEAHPWKPLRPGDIRGPCPGLNTLASHGYLPRNGVATPAQIINAVQEGFNFDNQAAIFATYA
AHLVDGNLITDLLSIGRKTRLTGPDPPPPASVGGLNEHGTFEGDASMTRGDAFFGNNHDFNETLFEQLVDYSNRFGGGKY
NLTVAGELRFKRIQDSIATNPNFSFVDFRFFTAYGETTFPANLFVDGRRDDGQLDMDAARSFFQFSRMPDDFFRAPSPRS
GTGVEVVVQAHPMQPGRNVGKINSYTVDPTSSDFSTPCLMYEKFVNITVKSLYPNPTVQLRKALNTNLDFLFQGVAAGCT
QVFPYGRD
;
_entity_poly.pdbx_strand_id   A
#
loop_
_chem_comp.id
_chem_comp.type
_chem_comp.name
_chem_comp.formula
CL non-polymer 'CHLORIDE ION' 'Cl -1'
GOL non-polymer GLYCEROL 'C3 H8 O3'
HEM non-polymer 'PROTOPORPHYRIN IX CONTAINING FE' 'C34 H32 Fe N4 O4'
MG non-polymer 'MAGNESIUM ION' 'Mg 2'
NAG D-saccharide, beta linking 2-acetamido-2-deoxy-beta-D-glucopyranose 'C8 H15 N O6'
PO4 non-polymer 'PHOSPHATE ION' 'O4 P -3'
SYN non-polymer ethenylbenzene 'C8 H8'
#
# COMPACT_ATOMS: atom_id res chain seq x y z
N LEU A 4 4.84 -19.54 7.03
N LEU A 4 4.73 -19.67 7.27
CA LEU A 4 3.41 -19.56 6.63
CA LEU A 4 3.40 -19.57 6.60
C LEU A 4 2.78 -18.20 6.92
C LEU A 4 2.76 -18.22 6.93
N PRO A 5 1.81 -17.76 6.08
CA PRO A 5 1.07 -16.54 6.39
C PRO A 5 0.31 -16.68 7.72
N PRO A 6 0.43 -15.67 8.59
CA PRO A 6 -0.37 -15.70 9.82
C PRO A 6 -1.87 -15.77 9.54
N GLY A 7 -2.60 -16.36 10.48
CA GLY A 7 -4.04 -16.41 10.42
C GLY A 7 -4.63 -15.13 11.01
N PRO A 8 -5.96 -14.99 10.95
CA PRO A 8 -6.61 -13.81 11.53
C PRO A 8 -6.44 -13.73 13.03
N LEU A 9 -6.73 -12.55 13.58
CA LEU A 9 -6.66 -12.34 15.02
C LEU A 9 -7.63 -13.24 15.77
N GLU A 10 -7.17 -13.78 16.89
CA GLU A 10 -8.03 -14.59 17.76
C GLU A 10 -9.03 -13.69 18.49
N ASN A 11 -8.58 -12.49 18.85
CA ASN A 11 -9.41 -11.48 19.47
C ASN A 11 -9.22 -10.19 18.69
N SER A 12 -10.25 -9.79 17.95
CA SER A 12 -10.18 -8.62 17.09
C SER A 12 -10.89 -7.37 17.66
N SER A 13 -11.05 -7.29 18.98
CA SER A 13 -11.67 -6.13 19.62
C SER A 13 -10.80 -4.88 19.52
N ALA A 14 -11.41 -3.72 19.66
CA ALA A 14 -10.67 -2.47 19.84
C ALA A 14 -9.88 -2.56 21.14
N LYS A 15 -8.65 -2.09 21.10
CA LYS A 15 -7.81 -2.08 22.30
C LYS A 15 -6.76 -1.02 22.13
N LEU A 16 -6.16 -0.62 23.23
CA LEU A 16 -5.09 0.35 23.19
C LEU A 16 -3.90 -0.27 22.46
N VAL A 17 -3.44 0.36 21.39
CA VAL A 17 -2.25 -0.14 20.68
C VAL A 17 -1.04 0.75 20.83
N ASN A 18 -1.25 2.00 21.24
CA ASN A 18 -0.16 2.88 21.65
C ASN A 18 0.06 2.64 23.15
N ASP A 19 0.70 1.51 23.44
CA ASP A 19 0.81 1.02 24.82
C ASP A 19 2.27 0.94 25.27
N GLU A 20 2.51 0.52 26.51
CA GLU A 20 3.87 0.53 27.07
C GLU A 20 4.86 -0.33 26.27
N ALA A 21 4.38 -1.43 25.70
CA ALA A 21 5.22 -2.33 24.90
C ALA A 21 5.53 -1.79 23.49
N HIS A 22 4.78 -0.78 23.04
CA HIS A 22 4.91 -0.24 21.68
C HIS A 22 4.92 1.28 21.67
N PRO A 23 5.94 1.88 22.31
CA PRO A 23 6.07 3.33 22.33
C PRO A 23 6.59 3.83 21.00
N TRP A 24 6.20 5.04 20.63
CA TRP A 24 6.79 5.69 19.48
C TRP A 24 8.23 6.06 19.83
N LYS A 25 9.13 5.84 18.87
CA LYS A 25 10.48 6.38 18.97
C LYS A 25 10.89 7.03 17.65
N PRO A 26 11.76 8.06 17.74
CA PRO A 26 12.26 8.71 16.54
C PRO A 26 13.21 7.79 15.78
N LEU A 27 13.48 8.15 14.53
CA LEU A 27 14.37 7.37 13.70
C LEU A 27 15.81 7.47 14.19
N ARG A 28 16.50 6.33 14.14
CA ARG A 28 17.95 6.25 14.31
C ARG A 28 18.59 6.28 12.92
N PRO A 29 19.89 6.61 12.85
CA PRO A 29 20.57 6.50 11.55
C PRO A 29 20.43 5.10 10.97
N GLY A 30 20.10 5.04 9.68
CA GLY A 30 19.88 3.77 9.00
C GLY A 30 18.45 3.25 9.03
N ASP A 31 17.58 3.81 9.87
CA ASP A 31 16.19 3.32 9.95
C ASP A 31 15.48 3.74 8.68
N ILE A 32 14.70 2.82 8.11
CA ILE A 32 14.05 3.01 6.83
C ILE A 32 12.55 3.21 6.99
N ARG A 33 12.05 4.32 6.42
CA ARG A 33 10.62 4.56 6.26
C ARG A 33 10.34 4.87 4.80
N GLY A 34 9.12 4.56 4.38
CA GLY A 34 8.77 4.60 2.97
C GLY A 34 7.46 5.28 2.66
N PRO A 35 6.79 4.85 1.57
CA PRO A 35 5.59 5.52 1.09
C PRO A 35 4.31 5.14 1.83
N CYS A 36 4.36 4.15 2.71
CA CYS A 36 3.18 3.67 3.42
C CYS A 36 3.13 4.17 4.85
N PRO A 37 2.18 5.07 5.18
CA PRO A 37 2.08 5.52 6.56
C PRO A 37 1.68 4.44 7.57
N GLY A 38 1.00 3.38 7.12
CA GLY A 38 0.61 2.30 8.02
C GLY A 38 1.82 1.53 8.49
N LEU A 39 2.59 1.02 7.54
CA LEU A 39 3.80 0.27 7.87
C LEU A 39 4.82 1.15 8.60
N ASN A 40 4.96 2.40 8.17
CA ASN A 40 5.88 3.34 8.83
C ASN A 40 5.54 3.47 10.32
N THR A 41 4.25 3.62 10.63
CA THR A 41 3.79 3.78 12.01
C THR A 41 4.03 2.51 12.82
N LEU A 42 3.78 1.36 12.21
CA LEU A 42 4.04 0.08 12.88
C LEU A 42 5.53 -0.10 13.20
N ALA A 43 6.41 0.28 12.26
CA ALA A 43 7.86 0.27 12.53
C ALA A 43 8.22 1.25 13.64
N SER A 44 7.65 2.45 13.61
CA SER A 44 7.99 3.48 14.60
C SER A 44 7.41 3.25 15.99
N HIS A 45 6.49 2.28 16.12
CA HIS A 45 6.01 1.80 17.42
C HIS A 45 6.53 0.41 17.79
N GLY A 46 7.42 -0.14 16.98
CA GLY A 46 8.02 -1.44 17.27
C GLY A 46 7.11 -2.64 17.06
N TYR A 47 5.99 -2.46 16.35
CA TYR A 47 5.17 -3.58 15.89
C TYR A 47 5.91 -4.35 14.81
N LEU A 48 6.71 -3.61 14.03
CA LEU A 48 7.68 -4.16 13.10
C LEU A 48 9.04 -3.78 13.65
N PRO A 49 10.11 -4.45 13.17
CA PRO A 49 11.46 -3.98 13.46
C PRO A 49 11.61 -2.49 13.15
N ARG A 50 12.22 -1.76 14.07
CA ARG A 50 12.27 -0.30 13.97
C ARG A 50 13.16 0.19 12.83
N ASN A 51 14.04 -0.67 12.32
CA ASN A 51 14.84 -0.30 11.15
C ASN A 51 14.10 -0.39 9.80
N GLY A 52 12.87 -0.89 9.78
CA GLY A 52 12.06 -0.89 8.56
C GLY A 52 12.30 -2.04 7.60
N VAL A 53 12.99 -3.07 8.06
CA VAL A 53 13.19 -4.28 7.29
C VAL A 53 12.50 -5.43 8.04
N ALA A 54 11.65 -6.16 7.34
CA ALA A 54 10.80 -7.16 7.97
C ALA A 54 10.49 -8.35 7.06
N THR A 55 10.09 -9.45 7.67
CA THR A 55 9.59 -10.60 6.91
C THR A 55 8.11 -10.40 6.58
N PRO A 56 7.61 -11.12 5.57
CA PRO A 56 6.17 -11.05 5.31
C PRO A 56 5.31 -11.42 6.50
N ALA A 57 5.71 -12.45 7.25
CA ALA A 57 4.93 -12.86 8.42
C ALA A 57 4.90 -11.77 9.50
N GLN A 58 6.03 -11.09 9.69
CA GLN A 58 6.08 -9.95 10.61
C GLN A 58 5.13 -8.83 10.19
N ILE A 59 5.09 -8.53 8.89
CA ILE A 59 4.22 -7.47 8.36
C ILE A 59 2.75 -7.81 8.57
N ILE A 60 2.37 -9.05 8.25
CA ILE A 60 0.97 -9.46 8.39
C ILE A 60 0.54 -9.42 9.87
N ASN A 61 1.37 -9.95 10.74
CA ASN A 61 1.09 -9.86 12.18
C ASN A 61 0.98 -8.42 12.64
N ALA A 62 1.89 -7.55 12.19
CA ALA A 62 1.90 -6.14 12.63
C ALA A 62 0.65 -5.40 12.18
N VAL A 63 0.26 -5.55 10.92
CA VAL A 63 -0.92 -4.79 10.43
C VAL A 63 -2.21 -5.27 11.10
N GLN A 64 -2.29 -6.55 11.43
CA GLN A 64 -3.44 -7.06 12.16
C GLN A 64 -3.45 -6.58 13.61
N GLU A 65 -2.34 -6.79 14.31
CA GLU A 65 -2.26 -6.46 15.73
C GLU A 65 -2.37 -4.96 15.99
N GLY A 66 -1.67 -4.16 15.20
CA GLY A 66 -1.61 -2.72 15.45
C GLY A 66 -2.81 -1.93 14.92
N PHE A 67 -3.34 -2.37 13.79
CA PHE A 67 -4.43 -1.64 13.11
C PHE A 67 -5.73 -2.42 12.83
N ASN A 68 -5.74 -3.73 13.07
CA ASN A 68 -6.89 -4.58 12.71
C ASN A 68 -7.16 -4.59 11.19
N PHE A 69 -6.08 -4.56 10.40
CA PHE A 69 -6.16 -4.79 8.95
C PHE A 69 -6.65 -6.24 8.80
N ASP A 70 -7.56 -6.48 7.87
CA ASP A 70 -8.10 -7.83 7.74
C ASP A 70 -7.09 -8.78 7.08
N ASN A 71 -7.21 -10.06 7.41
CA ASN A 71 -6.23 -11.08 7.06
C ASN A 71 -6.02 -11.27 5.56
N GLN A 72 -7.12 -11.35 4.83
CA GLN A 72 -7.05 -11.56 3.39
C GLN A 72 -6.34 -10.38 2.70
N ALA A 73 -6.72 -9.16 3.06
CA ALA A 73 -6.05 -7.97 2.51
C ALA A 73 -4.58 -7.91 2.90
N ALA A 74 -4.28 -8.27 4.15
CA ALA A 74 -2.90 -8.27 4.65
C ALA A 74 -2.05 -9.25 3.86
N ILE A 75 -2.59 -10.45 3.63
CA ILE A 75 -1.90 -11.48 2.87
C ILE A 75 -1.67 -11.01 1.44
N PHE A 76 -2.72 -10.54 0.75
CA PHE A 76 -2.52 -10.14 -0.64
C PHE A 76 -1.49 -9.01 -0.78
N ALA A 77 -1.64 -7.95 0.02
CA ALA A 77 -0.74 -6.81 -0.08
C ALA A 77 0.69 -7.18 0.24
N THR A 78 0.87 -7.94 1.32
CA THR A 78 2.20 -8.26 1.80
C THR A 78 2.96 -9.12 0.78
N TYR A 79 2.34 -10.19 0.30
CA TYR A 79 3.02 -11.08 -0.66
C TYR A 79 3.18 -10.45 -2.03
N ALA A 80 2.24 -9.59 -2.43
CA ALA A 80 2.41 -8.82 -3.67
C ALA A 80 3.65 -7.95 -3.56
N ALA A 81 3.76 -7.19 -2.46
CA ALA A 81 4.90 -6.32 -2.24
C ALA A 81 6.19 -7.12 -2.18
N HIS A 82 6.17 -8.23 -1.46
CA HIS A 82 7.37 -9.04 -1.28
C HIS A 82 7.86 -9.62 -2.63
N LEU A 83 6.92 -10.12 -3.42
CA LEU A 83 7.25 -10.69 -4.74
C LEU A 83 7.99 -9.71 -5.65
N VAL A 84 7.56 -8.45 -5.66
CA VAL A 84 8.15 -7.46 -6.58
C VAL A 84 9.25 -6.57 -5.98
N ASP A 85 9.26 -6.42 -4.66
CA ASP A 85 10.18 -5.52 -3.97
C ASP A 85 11.08 -6.16 -2.92
N GLY A 86 10.80 -7.40 -2.53
CA GLY A 86 11.49 -8.05 -1.43
C GLY A 86 12.46 -9.09 -1.93
N ASN A 87 13.30 -9.58 -1.02
CA ASN A 87 14.25 -10.64 -1.33
C ASN A 87 13.63 -11.98 -0.98
N LEU A 88 13.40 -12.81 -1.98
CA LEU A 88 12.66 -14.05 -1.81
C LEU A 88 13.47 -15.16 -1.16
N ILE A 89 14.81 -15.09 -1.28
CA ILE A 89 15.69 -16.04 -0.62
C ILE A 89 15.84 -15.74 0.88
N THR A 90 16.12 -14.49 1.23
CA THR A 90 16.29 -14.13 2.63
C THR A 90 14.96 -13.90 3.37
N ASP A 91 13.86 -13.75 2.61
CA ASP A 91 12.52 -13.52 3.16
C ASP A 91 12.41 -12.15 3.84
N LEU A 92 13.13 -11.16 3.31
CA LEU A 92 13.16 -9.81 3.88
C LEU A 92 12.71 -8.76 2.88
N LEU A 93 11.94 -7.79 3.38
CA LEU A 93 11.44 -6.68 2.59
C LEU A 93 11.69 -5.38 3.32
N SER A 94 12.22 -4.40 2.60
CA SER A 94 12.34 -3.02 3.11
C SER A 94 11.03 -2.29 2.89
N ILE A 95 10.55 -1.60 3.92
CA ILE A 95 9.36 -0.77 3.77
C ILE A 95 9.65 0.59 3.11
N GLY A 96 10.90 0.82 2.71
CA GLY A 96 11.26 2.03 1.99
C GLY A 96 12.32 1.78 0.95
N ARG A 97 13.47 2.41 1.11
N ARG A 97 13.48 2.42 1.12
CA ARG A 97 14.50 2.40 0.09
CA ARG A 97 14.54 2.41 0.13
C ARG A 97 15.17 1.04 -0.01
C ARG A 97 15.19 1.04 0.00
N LYS A 98 15.82 0.84 -1.15
CA LYS A 98 16.62 -0.36 -1.39
C LYS A 98 17.76 -0.36 -0.37
N THR A 99 18.06 -1.54 0.15
CA THR A 99 19.04 -1.66 1.20
C THR A 99 19.76 -3.00 1.12
N ARG A 100 21.04 -2.99 1.49
CA ARG A 100 21.82 -4.21 1.61
C ARG A 100 21.34 -5.11 2.74
N LEU A 101 20.56 -4.56 3.68
CA LEU A 101 20.02 -5.33 4.80
C LEU A 101 19.04 -6.44 4.36
N THR A 102 18.50 -6.38 3.14
CA THR A 102 17.68 -7.49 2.64
C THR A 102 18.51 -8.66 2.08
N GLY A 103 19.83 -8.52 2.04
CA GLY A 103 20.73 -9.63 1.70
C GLY A 103 21.21 -9.62 0.26
N PRO A 104 21.93 -10.69 -0.15
CA PRO A 104 22.46 -10.78 -1.51
C PRO A 104 21.37 -10.74 -2.58
N ASP A 105 21.54 -9.86 -3.56
CA ASP A 105 20.51 -9.65 -4.58
C ASP A 105 20.42 -10.80 -5.59
N PRO A 106 19.20 -11.04 -6.14
CA PRO A 106 19.02 -11.93 -7.27
C PRO A 106 19.52 -11.23 -8.54
N PRO A 107 19.60 -11.97 -9.66
CA PRO A 107 20.10 -11.33 -10.88
C PRO A 107 19.09 -10.33 -11.46
N PRO A 108 19.57 -9.36 -12.25
CA PRO A 108 18.60 -8.54 -12.98
C PRO A 108 17.79 -9.45 -13.90
N PRO A 109 16.56 -9.06 -14.25
CA PRO A 109 15.99 -7.73 -14.03
C PRO A 109 15.26 -7.49 -12.68
N ALA A 110 15.33 -8.44 -11.74
CA ALA A 110 14.74 -8.22 -10.41
C ALA A 110 15.52 -7.11 -9.72
N SER A 111 14.80 -6.19 -9.09
CA SER A 111 15.40 -4.99 -8.51
C SER A 111 15.55 -5.05 -6.99
N VAL A 112 14.67 -5.79 -6.31
CA VAL A 112 14.62 -5.85 -4.83
C VAL A 112 14.84 -4.43 -4.26
N GLY A 113 13.97 -3.52 -4.73
CA GLY A 113 14.11 -2.10 -4.48
C GLY A 113 13.41 -1.56 -3.25
N GLY A 114 12.75 -2.44 -2.48
CA GLY A 114 11.92 -2.02 -1.36
C GLY A 114 10.63 -1.38 -1.85
N LEU A 115 9.78 -0.98 -0.91
CA LEU A 115 8.54 -0.32 -1.26
C LEU A 115 8.72 1.01 -2.01
N ASN A 116 9.89 1.65 -1.91
CA ASN A 116 10.18 2.85 -2.70
C ASN A 116 10.28 2.60 -4.21
N GLU A 117 10.40 1.34 -4.64
CA GLU A 117 10.56 1.07 -6.07
C GLU A 117 9.33 1.52 -6.85
N HIS A 118 9.52 2.46 -7.76
CA HIS A 118 8.39 2.98 -8.52
C HIS A 118 7.88 1.97 -9.55
N GLY A 119 6.57 1.81 -9.63
CA GLY A 119 5.93 1.09 -10.72
C GLY A 119 5.73 -0.40 -10.53
N THR A 120 6.15 -0.90 -9.36
CA THR A 120 5.91 -2.27 -8.95
C THR A 120 4.68 -2.29 -8.03
N PHE A 121 4.81 -1.78 -6.81
CA PHE A 121 3.67 -1.56 -5.91
C PHE A 121 3.38 -0.07 -5.87
N GLU A 122 4.36 0.72 -5.45
CA GLU A 122 4.24 2.17 -5.38
C GLU A 122 3.87 2.73 -6.74
N GLY A 123 3.04 3.77 -6.75
CA GLY A 123 2.76 4.49 -7.97
C GLY A 123 2.17 5.87 -7.81
N ASP A 124 1.71 6.40 -8.93
CA ASP A 124 1.37 7.81 -9.05
C ASP A 124 0.04 8.17 -8.39
N ALA A 125 -0.16 9.47 -8.24
CA ALA A 125 -1.36 10.08 -7.66
C ALA A 125 -1.62 9.64 -6.22
N SER A 126 -0.53 9.45 -5.47
CA SER A 126 -0.59 9.27 -4.02
C SER A 126 -1.11 10.56 -3.38
N MET A 127 -1.72 10.45 -2.20
CA MET A 127 -2.35 11.60 -1.56
C MET A 127 -1.33 12.56 -0.93
N THR A 128 -0.35 12.01 -0.22
CA THR A 128 0.63 12.81 0.54
C THR A 128 2.09 12.66 0.09
N ARG A 129 2.30 11.86 -0.95
CA ARG A 129 3.62 11.66 -1.57
C ARG A 129 3.53 12.09 -3.03
N GLY A 130 4.61 12.63 -3.56
CA GLY A 130 4.66 13.06 -4.95
C GLY A 130 4.90 11.91 -5.91
N ASP A 131 4.53 12.10 -7.18
CA ASP A 131 4.82 11.11 -8.21
C ASP A 131 6.33 10.98 -8.35
N ALA A 132 6.82 9.78 -8.66
CA ALA A 132 8.26 9.56 -8.83
C ALA A 132 8.93 10.48 -9.87
N PHE A 133 8.18 10.84 -10.91
CA PHE A 133 8.67 11.77 -11.93
C PHE A 133 9.14 13.10 -11.33
N PHE A 134 8.50 13.54 -10.25
CA PHE A 134 8.84 14.81 -9.62
C PHE A 134 9.99 14.73 -8.60
N GLY A 135 10.57 13.54 -8.41
CA GLY A 135 11.86 13.39 -7.69
C GLY A 135 11.84 12.65 -6.35
N ASN A 136 10.65 12.41 -5.79
CA ASN A 136 10.56 11.76 -4.49
C ASN A 136 9.18 11.14 -4.31
N ASN A 137 9.13 9.81 -4.39
CA ASN A 137 7.85 9.08 -4.28
C ASN A 137 7.53 8.54 -2.88
N HIS A 138 8.32 8.93 -1.86
CA HIS A 138 8.25 8.28 -0.55
C HIS A 138 8.14 9.20 0.65
N ASP A 139 8.78 10.37 0.62
CA ASP A 139 8.73 11.27 1.78
C ASP A 139 7.38 11.96 1.89
N PHE A 140 6.96 12.22 3.12
CA PHE A 140 5.80 13.08 3.38
C PHE A 140 5.99 14.42 2.69
N ASN A 141 4.93 14.90 2.05
CA ASN A 141 4.95 16.18 1.34
C ASN A 141 3.94 17.12 1.98
N GLU A 142 4.45 18.24 2.50
CA GLU A 142 3.64 19.20 3.26
C GLU A 142 2.59 19.88 2.41
N THR A 143 2.95 20.28 1.20
CA THR A 143 2.00 20.90 0.28
C THR A 143 0.83 19.97 -0.04
N LEU A 144 1.15 18.71 -0.33
CA LEU A 144 0.10 17.73 -0.61
C LEU A 144 -0.74 17.45 0.62
N PHE A 145 -0.12 17.37 1.79
CA PHE A 145 -0.90 17.20 3.01
C PHE A 145 -1.81 18.40 3.27
N GLU A 146 -1.33 19.62 3.03
CA GLU A 146 -2.18 20.81 3.18
C GLU A 146 -3.37 20.81 2.22
N GLN A 147 -3.18 20.19 1.06
CA GLN A 147 -4.28 20.00 0.13
C GLN A 147 -5.28 18.98 0.68
N LEU A 148 -4.80 17.90 1.32
CA LEU A 148 -5.69 16.96 2.01
C LEU A 148 -6.49 17.67 3.10
N VAL A 149 -5.84 18.55 3.86
CA VAL A 149 -6.50 19.38 4.88
C VAL A 149 -7.57 20.26 4.24
N ASP A 150 -7.22 20.95 3.15
CA ASP A 150 -8.18 21.79 2.43
C ASP A 150 -9.41 21.01 1.95
N TYR A 151 -9.18 19.84 1.36
CA TYR A 151 -10.28 18.96 0.92
C TYR A 151 -11.12 18.46 2.10
N SER A 152 -10.48 18.19 3.22
CA SER A 152 -11.20 17.81 4.44
C SER A 152 -12.07 18.96 4.94
N ASN A 153 -11.54 20.16 4.90
CA ASN A 153 -12.32 21.36 5.27
C ASN A 153 -13.52 21.60 4.35
N ARG A 154 -13.32 21.38 3.05
CA ARG A 154 -14.35 21.62 2.04
C ARG A 154 -15.43 20.54 1.96
N PHE A 155 -15.04 19.28 2.10
CA PHE A 155 -15.97 18.16 1.90
C PHE A 155 -16.23 17.29 3.12
N GLY A 156 -15.50 17.54 4.21
CA GLY A 156 -15.59 16.69 5.40
C GLY A 156 -15.84 17.41 6.72
N GLY A 157 -16.22 18.70 6.66
CA GLY A 157 -16.40 19.52 7.85
C GLY A 157 -15.13 19.60 8.71
N GLY A 158 -13.98 19.54 8.04
CA GLY A 158 -12.70 19.57 8.73
C GLY A 158 -12.08 18.21 9.03
N LYS A 159 -12.81 17.13 8.76
CA LYS A 159 -12.32 15.76 8.95
C LYS A 159 -12.17 15.06 7.61
N TYR A 160 -11.31 14.06 7.58
CA TYR A 160 -11.15 13.23 6.40
C TYR A 160 -12.14 12.09 6.50
N ASN A 161 -12.99 11.96 5.49
CA ASN A 161 -13.92 10.85 5.41
C ASN A 161 -14.04 10.37 3.97
N LEU A 162 -14.91 9.40 3.71
CA LEU A 162 -14.99 8.84 2.35
C LEU A 162 -15.42 9.83 1.27
N THR A 163 -16.21 10.84 1.63
CA THR A 163 -16.56 11.91 0.71
C THR A 163 -15.33 12.71 0.30
N VAL A 164 -14.48 13.04 1.29
CA VAL A 164 -13.23 13.75 1.03
C VAL A 164 -12.34 12.89 0.13
N ALA A 165 -12.25 11.61 0.46
CA ALA A 165 -11.44 10.66 -0.31
C ALA A 165 -11.86 10.67 -1.79
N GLY A 166 -13.16 10.60 -2.06
CA GLY A 166 -13.63 10.65 -3.44
C GLY A 166 -13.20 11.89 -4.20
N GLU A 167 -13.25 13.05 -3.53
CA GLU A 167 -12.86 14.29 -4.19
C GLU A 167 -11.34 14.39 -4.36
N LEU A 168 -10.60 14.03 -3.32
CA LEU A 168 -9.14 14.16 -3.35
C LEU A 168 -8.50 13.15 -4.30
N ARG A 169 -8.98 11.93 -4.28
CA ARG A 169 -8.51 10.90 -5.22
C ARG A 169 -8.56 11.42 -6.66
N PHE A 170 -9.70 11.99 -7.04
CA PHE A 170 -9.88 12.54 -8.39
C PHE A 170 -8.97 13.74 -8.65
N LYS A 171 -8.86 14.62 -7.67
N LYS A 171 -8.87 14.63 -7.66
CA LYS A 171 -7.98 15.78 -7.79
CA LYS A 171 -7.98 15.79 -7.77
C LYS A 171 -6.53 15.37 -8.05
C LYS A 171 -6.54 15.39 -8.04
N ARG A 172 -6.05 14.35 -7.34
CA ARG A 172 -4.67 13.89 -7.51
C ARG A 172 -4.46 13.31 -8.90
N ILE A 173 -5.44 12.54 -9.37
CA ILE A 173 -5.40 12.00 -10.74
C ILE A 173 -5.34 13.13 -11.76
N GLN A 174 -6.22 14.12 -11.63
N GLN A 174 -6.23 14.11 -11.63
CA GLN A 174 -6.26 15.21 -12.58
CA GLN A 174 -6.26 15.25 -12.55
C GLN A 174 -4.98 16.04 -12.55
C GLN A 174 -4.95 16.00 -12.56
N ASP A 175 -4.39 16.20 -11.36
CA ASP A 175 -3.13 16.93 -11.24
C ASP A 175 -1.97 16.17 -11.88
N SER A 176 -1.93 14.85 -11.72
CA SER A 176 -0.92 14.05 -12.41
C SER A 176 -1.10 14.08 -13.93
N ILE A 177 -2.34 14.02 -14.42
CA ILE A 177 -2.57 14.12 -15.89
C ILE A 177 -2.04 15.44 -16.44
N ALA A 178 -2.25 16.51 -15.69
CA ALA A 178 -1.86 17.85 -16.12
C ALA A 178 -0.37 18.15 -16.06
N THR A 179 0.39 17.40 -15.26
CA THR A 179 1.79 17.76 -14.97
C THR A 179 2.83 16.66 -15.13
N ASN A 180 2.43 15.40 -15.06
CA ASN A 180 3.34 14.27 -15.13
C ASN A 180 3.20 13.60 -16.51
N PRO A 181 4.12 13.87 -17.44
CA PRO A 181 3.99 13.27 -18.79
C PRO A 181 4.14 11.75 -18.80
N ASN A 182 4.67 11.19 -17.71
CA ASN A 182 4.83 9.76 -17.57
C ASN A 182 3.77 9.12 -16.67
N PHE A 183 2.70 9.85 -16.34
CA PHE A 183 1.67 9.36 -15.43
C PHE A 183 1.14 7.99 -15.87
N SER A 184 1.16 7.02 -14.95
CA SER A 184 0.64 5.67 -15.22
C SER A 184 -0.40 5.32 -14.18
N PHE A 185 -1.56 4.83 -14.64
CA PHE A 185 -2.65 4.55 -13.74
C PHE A 185 -3.41 3.34 -14.27
N VAL A 186 -2.73 2.20 -14.28
CA VAL A 186 -3.27 0.96 -14.82
C VAL A 186 -3.07 -0.18 -13.83
N ASP A 187 -3.79 -1.27 -14.09
CA ASP A 187 -3.58 -2.55 -13.41
C ASP A 187 -3.46 -2.41 -11.90
N PHE A 188 -2.35 -2.83 -11.29
CA PHE A 188 -2.26 -2.93 -9.85
C PHE A 188 -2.41 -1.55 -9.18
N ARG A 189 -1.78 -0.54 -9.76
CA ARG A 189 -1.84 0.80 -9.19
C ARG A 189 -3.26 1.36 -9.25
N PHE A 190 -3.96 1.08 -10.33
CA PHE A 190 -5.35 1.52 -10.48
C PHE A 190 -6.20 1.01 -9.31
N PHE A 191 -5.99 -0.24 -8.91
CA PHE A 191 -6.71 -0.80 -7.75
C PHE A 191 -6.26 -0.20 -6.42
N THR A 192 -4.96 -0.21 -6.17
CA THR A 192 -4.43 0.22 -4.87
C THR A 192 -4.68 1.69 -4.58
N ALA A 193 -4.65 2.51 -5.63
CA ALA A 193 -4.84 3.95 -5.48
C ALA A 193 -6.22 4.27 -4.89
N TYR A 194 -7.23 3.49 -5.26
CA TYR A 194 -8.57 3.68 -4.70
C TYR A 194 -8.70 3.14 -3.28
N GLY A 195 -8.27 1.91 -3.04
CA GLY A 195 -8.38 1.33 -1.71
C GLY A 195 -7.64 2.12 -0.64
N GLU A 196 -6.43 2.60 -0.97
CA GLU A 196 -5.63 3.36 -0.01
C GLU A 196 -6.30 4.62 0.48
N THR A 197 -7.13 5.23 -0.35
CA THR A 197 -7.84 6.44 0.08
C THR A 197 -8.86 6.18 1.20
N THR A 198 -9.32 4.93 1.36
CA THR A 198 -10.25 4.58 2.43
C THR A 198 -9.55 4.28 3.74
N PHE A 199 -8.28 3.91 3.66
CA PHE A 199 -7.56 3.42 4.84
C PHE A 199 -7.50 4.43 5.99
N PRO A 200 -7.27 5.72 5.70
CA PRO A 200 -7.23 6.64 6.83
C PRO A 200 -8.59 6.71 7.58
N ALA A 201 -9.70 6.66 6.83
CA ALA A 201 -11.05 6.66 7.43
C ALA A 201 -11.42 5.37 8.17
N ASN A 202 -10.88 4.24 7.73
CA ASN A 202 -11.19 2.93 8.29
C ASN A 202 -10.25 2.49 9.39
N LEU A 203 -9.01 2.98 9.36
CA LEU A 203 -7.94 2.42 10.18
C LEU A 203 -7.18 3.42 11.05
N PHE A 204 -7.17 4.71 10.67
CA PHE A 204 -6.54 5.73 11.51
C PHE A 204 -7.51 6.44 12.46
N VAL A 205 -8.80 6.08 12.37
CA VAL A 205 -9.83 6.58 13.28
C VAL A 205 -9.84 5.69 14.53
N ASP A 206 -9.76 6.33 15.70
CA ASP A 206 -9.74 5.61 16.98
C ASP A 206 -10.91 4.65 17.02
N GLY A 207 -10.65 3.39 17.35
CA GLY A 207 -11.66 2.35 17.26
C GLY A 207 -12.80 2.43 18.25
N ARG A 208 -12.67 3.28 19.27
CA ARG A 208 -13.78 3.53 20.18
C ARG A 208 -14.86 4.38 19.53
N ARG A 209 -14.48 5.11 18.48
CA ARG A 209 -15.41 5.91 17.71
C ARG A 209 -15.80 5.17 16.43
N ASP A 210 -14.79 4.79 15.65
CA ASP A 210 -14.97 4.08 14.38
C ASP A 210 -16.07 4.71 13.49
N ASP A 211 -16.10 6.03 13.43
CA ASP A 211 -17.17 6.75 12.73
C ASP A 211 -16.75 7.21 11.33
N GLY A 212 -15.52 6.86 10.93
CA GLY A 212 -15.00 7.20 9.62
C GLY A 212 -14.63 8.66 9.45
N GLN A 213 -14.50 9.40 10.55
CA GLN A 213 -14.17 10.84 10.51
C GLN A 213 -12.81 11.05 11.16
N LEU A 214 -11.78 11.22 10.33
CA LEU A 214 -10.41 11.34 10.83
C LEU A 214 -10.05 12.81 11.05
N ASP A 215 -9.69 13.18 12.28
CA ASP A 215 -9.27 14.57 12.54
C ASP A 215 -7.87 14.83 11.97
N MET A 216 -7.58 16.11 11.67
CA MET A 216 -6.33 16.48 11.01
C MET A 216 -5.09 16.33 11.89
N ASP A 217 -5.24 16.46 13.21
CA ASP A 217 -4.12 16.21 14.13
C ASP A 217 -3.66 14.76 14.07
N ALA A 218 -4.61 13.84 14.17
CA ALA A 218 -4.32 12.42 13.98
C ALA A 218 -3.76 12.14 12.59
N ALA A 219 -4.39 12.72 11.55
CA ALA A 219 -3.92 12.50 10.18
C ALA A 219 -2.47 12.93 10.04
N ARG A 220 -2.12 14.10 10.56
CA ARG A 220 -0.73 14.54 10.46
C ARG A 220 0.21 13.60 11.23
N SER A 221 -0.22 13.15 12.41
CA SER A 221 0.58 12.27 13.25
C SER A 221 0.98 10.99 12.52
N PHE A 222 0.01 10.37 11.85
CA PHE A 222 0.28 9.18 11.04
C PHE A 222 1.07 9.48 9.77
N PHE A 223 0.55 10.40 8.94
CA PHE A 223 1.12 10.62 7.61
C PHE A 223 2.53 11.21 7.63
N GLN A 224 2.78 12.11 8.58
CA GLN A 224 4.10 12.79 8.68
C GLN A 224 5.03 12.10 9.65
N PHE A 225 4.54 11.83 10.86
CA PHE A 225 5.44 11.38 11.94
C PHE A 225 5.44 9.90 12.22
N SER A 226 4.62 9.13 11.50
CA SER A 226 4.51 7.69 11.71
C SER A 226 4.18 7.39 13.18
N ARG A 227 3.27 8.16 13.76
N ARG A 227 3.27 8.16 13.77
CA ARG A 227 3.06 8.15 15.21
CA ARG A 227 3.07 8.17 15.22
C ARG A 227 1.58 8.04 15.53
C ARG A 227 1.59 8.05 15.54
N MET A 228 1.22 7.06 16.35
CA MET A 228 -0.16 6.91 16.83
C MET A 228 -0.45 8.05 17.80
N PRO A 229 -1.67 8.61 17.75
CA PRO A 229 -2.05 9.54 18.79
C PRO A 229 -1.91 8.92 20.18
N ASP A 230 -1.65 9.77 21.17
CA ASP A 230 -1.64 9.35 22.56
C ASP A 230 -2.98 8.65 22.87
N ASP A 231 -2.89 7.46 23.47
CA ASP A 231 -4.03 6.63 23.86
C ASP A 231 -4.81 6.04 22.67
N PHE A 232 -4.15 5.87 21.52
CA PHE A 232 -4.85 5.37 20.32
C PHE A 232 -5.33 3.93 20.46
N PHE A 233 -6.63 3.72 20.26
CA PHE A 233 -7.21 2.39 20.13
C PHE A 233 -7.35 2.03 18.65
N ARG A 234 -6.97 0.81 18.31
CA ARG A 234 -7.19 0.29 16.95
C ARG A 234 -8.67 0.11 16.68
N ALA A 235 -8.97 -0.04 15.40
CA ALA A 235 -10.33 -0.34 14.93
C ALA A 235 -10.93 -1.55 15.65
N PRO A 236 -12.25 -1.57 15.81
CA PRO A 236 -12.92 -2.59 16.61
C PRO A 236 -13.22 -3.92 15.92
N SER A 237 -12.88 -4.03 14.63
CA SER A 237 -13.06 -5.25 13.88
C SER A 237 -12.10 -5.25 12.69
N PRO A 238 -11.88 -6.42 12.06
CA PRO A 238 -10.95 -6.44 10.94
C PRO A 238 -11.53 -5.76 9.71
N ARG A 239 -10.75 -4.91 9.06
CA ARG A 239 -11.20 -4.27 7.82
C ARG A 239 -10.00 -3.75 7.04
N SER A 240 -10.25 -3.40 5.80
CA SER A 240 -9.26 -2.69 4.99
C SER A 240 -9.96 -1.62 4.17
N GLY A 241 -10.50 -2.01 3.02
CA GLY A 241 -10.98 -1.06 2.02
C GLY A 241 -12.47 -0.82 1.94
N THR A 242 -13.19 -1.06 3.03
N THR A 242 -13.17 -1.00 3.07
CA THR A 242 -14.63 -0.92 3.00
CA THR A 242 -14.63 -0.76 3.16
C THR A 242 -14.99 0.56 2.75
C THR A 242 -14.94 0.64 2.69
N GLY A 243 -15.98 0.77 1.87
CA GLY A 243 -16.38 2.08 1.41
C GLY A 243 -15.66 2.57 0.16
N VAL A 244 -14.78 1.77 -0.42
CA VAL A 244 -14.08 2.16 -1.66
C VAL A 244 -15.08 2.48 -2.79
N GLU A 245 -16.25 1.83 -2.77
CA GLU A 245 -17.31 2.14 -3.72
C GLU A 245 -17.71 3.62 -3.74
N VAL A 246 -17.70 4.24 -2.57
CA VAL A 246 -18.04 5.66 -2.44
C VAL A 246 -17.03 6.52 -3.19
N VAL A 247 -15.75 6.14 -3.06
CA VAL A 247 -14.65 6.87 -3.67
C VAL A 247 -14.73 6.77 -5.20
N VAL A 248 -14.97 5.56 -5.70
CA VAL A 248 -15.09 5.33 -7.15
C VAL A 248 -16.32 6.08 -7.71
N GLN A 249 -17.46 5.92 -7.04
CA GLN A 249 -18.70 6.53 -7.52
C GLN A 249 -18.62 8.04 -7.64
N ALA A 250 -17.82 8.69 -6.79
CA ALA A 250 -17.65 10.15 -6.87
C ALA A 250 -17.18 10.62 -8.25
N HIS A 251 -16.23 9.90 -8.84
CA HIS A 251 -15.61 10.27 -10.11
C HIS A 251 -15.05 9.03 -10.81
N PRO A 252 -15.93 8.20 -11.41
CA PRO A 252 -15.43 6.96 -12.00
C PRO A 252 -14.44 7.23 -13.13
N MET A 253 -13.33 6.51 -13.09
CA MET A 253 -12.23 6.63 -14.04
C MET A 253 -11.98 5.29 -14.73
N GLN A 254 -11.44 5.38 -15.93
CA GLN A 254 -10.90 4.23 -16.65
C GLN A 254 -9.39 4.18 -16.45
N PRO A 255 -8.80 2.98 -16.43
CA PRO A 255 -7.34 2.87 -16.35
C PRO A 255 -6.65 3.37 -17.62
N GLY A 256 -5.50 3.99 -17.47
CA GLY A 256 -4.82 4.57 -18.61
C GLY A 256 -3.53 5.24 -18.20
N ARG A 257 -2.94 5.98 -19.13
CA ARG A 257 -1.65 6.63 -18.89
C ARG A 257 -1.53 7.83 -19.78
N ASN A 258 -0.74 8.81 -19.34
CA ASN A 258 -0.22 9.81 -20.27
C ASN A 258 0.77 9.11 -21.20
N VAL A 259 0.90 9.63 -22.41
CA VAL A 259 1.70 8.97 -23.44
C VAL A 259 2.94 9.80 -23.81
N GLY A 260 3.70 10.19 -22.79
CA GLY A 260 4.94 10.96 -22.94
C GLY A 260 4.75 12.47 -23.00
N LYS A 261 3.52 12.93 -22.80
CA LYS A 261 3.18 14.35 -22.75
C LYS A 261 2.11 14.55 -21.71
N ILE A 262 2.07 15.75 -21.13
CA ILE A 262 0.96 16.11 -20.26
C ILE A 262 -0.35 16.15 -21.04
N ASN A 263 -1.46 15.96 -20.33
CA ASN A 263 -2.79 16.06 -20.91
C ASN A 263 -2.96 15.16 -22.11
N SER A 264 -2.47 13.94 -21.99
CA SER A 264 -2.60 12.95 -23.06
C SER A 264 -3.10 11.63 -22.52
N TYR A 265 -4.02 11.67 -21.55
CA TYR A 265 -4.42 10.45 -20.85
C TYR A 265 -5.16 9.54 -21.81
N THR A 266 -4.61 8.36 -22.00
CA THR A 266 -5.07 7.43 -23.03
C THR A 266 -5.45 6.15 -22.34
N VAL A 267 -6.70 5.74 -22.53
CA VAL A 267 -7.24 4.56 -21.86
C VAL A 267 -6.56 3.30 -22.39
N ASP A 268 -6.25 2.37 -21.48
CA ASP A 268 -5.57 1.14 -21.82
C ASP A 268 -6.57 -0.02 -21.75
N PRO A 269 -7.02 -0.53 -22.91
CA PRO A 269 -7.98 -1.64 -22.92
C PRO A 269 -7.43 -3.01 -22.51
N THR A 270 -6.12 -3.15 -22.40
N THR A 270 -6.10 -3.12 -22.42
CA THR A 270 -5.50 -4.37 -21.90
CA THR A 270 -5.46 -4.34 -21.93
C THR A 270 -5.36 -4.36 -20.39
C THR A 270 -5.35 -4.36 -20.40
N SER A 271 -5.59 -3.22 -19.75
CA SER A 271 -5.59 -3.13 -18.28
C SER A 271 -6.79 -3.83 -17.66
N SER A 272 -6.58 -4.38 -16.48
CA SER A 272 -7.69 -4.74 -15.62
C SER A 272 -8.38 -3.47 -15.13
N ASP A 273 -9.61 -3.63 -14.69
CA ASP A 273 -10.33 -2.55 -14.00
C ASP A 273 -11.20 -3.22 -12.94
N PHE A 274 -12.10 -2.48 -12.30
CA PHE A 274 -12.91 -3.08 -11.24
C PHE A 274 -13.91 -4.15 -11.71
N SER A 275 -14.17 -4.20 -13.02
CA SER A 275 -15.02 -5.25 -13.60
C SER A 275 -14.27 -6.58 -13.79
N THR A 276 -12.94 -6.55 -13.70
CA THR A 276 -12.10 -7.73 -13.93
C THR A 276 -11.04 -7.91 -12.83
N PRO A 277 -11.48 -8.13 -11.58
CA PRO A 277 -10.48 -8.25 -10.50
C PRO A 277 -9.56 -9.47 -10.63
N CYS A 278 -10.04 -10.58 -11.20
CA CYS A 278 -9.16 -11.72 -11.42
C CYS A 278 -8.08 -11.44 -12.45
N LEU A 279 -8.38 -10.62 -13.45
CA LEU A 279 -7.38 -10.22 -14.44
C LEU A 279 -6.21 -9.43 -13.81
N MET A 280 -6.52 -8.60 -12.81
N MET A 280 -6.51 -8.60 -12.81
CA MET A 280 -5.48 -7.86 -12.08
CA MET A 280 -5.47 -7.87 -12.10
C MET A 280 -4.49 -8.82 -11.40
C MET A 280 -4.49 -8.82 -11.40
N TYR A 281 -5.03 -9.87 -10.78
CA TYR A 281 -4.20 -10.92 -10.18
C TYR A 281 -3.37 -11.66 -11.26
N GLU A 282 -4.03 -12.07 -12.34
CA GLU A 282 -3.35 -12.86 -13.36
C GLU A 282 -2.23 -12.06 -14.05
N LYS A 283 -2.48 -10.80 -14.35
CA LYS A 283 -1.45 -9.96 -14.95
C LYS A 283 -0.31 -9.68 -13.99
N PHE A 284 -0.63 -9.51 -12.71
CA PHE A 284 0.39 -9.25 -11.72
C PHE A 284 1.40 -10.41 -11.69
N VAL A 285 0.88 -11.62 -11.69
CA VAL A 285 1.72 -12.83 -11.69
C VAL A 285 2.40 -13.07 -13.05
N ASN A 286 1.60 -13.13 -14.12
CA ASN A 286 2.10 -13.48 -15.45
C ASN A 286 3.02 -12.46 -16.10
N ILE A 287 2.82 -11.19 -15.77
CA ILE A 287 3.57 -10.12 -16.41
C ILE A 287 4.52 -9.47 -15.43
N THR A 288 4.01 -8.94 -14.32
CA THR A 288 4.84 -8.17 -13.40
C THR A 288 5.89 -9.07 -12.72
N VAL A 289 5.45 -10.13 -12.05
CA VAL A 289 6.38 -10.99 -11.31
C VAL A 289 7.29 -11.71 -12.30
N LYS A 290 6.69 -12.34 -13.31
CA LYS A 290 7.44 -13.07 -14.32
C LYS A 290 8.53 -12.25 -15.01
N SER A 291 8.26 -10.98 -15.30
CA SER A 291 9.26 -10.12 -15.94
C SER A 291 10.46 -9.81 -15.05
N LEU A 292 10.26 -9.81 -13.74
CA LEU A 292 11.36 -9.63 -12.79
C LEU A 292 12.20 -10.90 -12.64
N TYR A 293 11.55 -12.06 -12.79
CA TYR A 293 12.18 -13.36 -12.65
C TYR A 293 11.84 -14.24 -13.87
N PRO A 294 12.38 -13.89 -15.05
CA PRO A 294 11.97 -14.61 -16.27
C PRO A 294 12.43 -16.07 -16.36
N ASN A 295 13.63 -16.39 -15.88
CA ASN A 295 14.13 -17.77 -15.88
C ASN A 295 14.94 -18.03 -14.60
N PRO A 296 14.25 -18.16 -13.46
CA PRO A 296 14.93 -18.25 -12.18
C PRO A 296 15.66 -19.57 -11.98
N THR A 297 16.78 -19.51 -11.27
CA THR A 297 17.48 -20.72 -10.81
C THR A 297 16.62 -21.48 -9.80
N VAL A 298 17.02 -22.71 -9.53
CA VAL A 298 16.25 -23.65 -8.69
C VAL A 298 15.79 -23.09 -7.35
N GLN A 299 16.69 -22.45 -6.58
CA GLN A 299 16.30 -21.99 -5.25
C GLN A 299 15.32 -20.82 -5.35
N LEU A 300 15.49 -19.96 -6.35
CA LEU A 300 14.55 -18.84 -6.56
C LEU A 300 13.20 -19.28 -7.07
N ARG A 301 13.19 -20.24 -7.99
CA ARG A 301 11.94 -20.80 -8.51
C ARG A 301 11.09 -21.35 -7.36
N LYS A 302 11.73 -22.08 -6.46
CA LYS A 302 11.06 -22.63 -5.28
C LYS A 302 10.49 -21.51 -4.38
N ALA A 303 11.28 -20.48 -4.11
CA ALA A 303 10.82 -19.35 -3.29
C ALA A 303 9.68 -18.58 -3.97
N LEU A 304 9.79 -18.39 -5.29
CA LEU A 304 8.72 -17.77 -6.07
C LEU A 304 7.42 -18.55 -5.93
N ASN A 305 7.48 -19.87 -6.15
CA ASN A 305 6.26 -20.68 -6.08
C ASN A 305 5.61 -20.68 -4.70
N THR A 306 6.42 -20.70 -3.64
CA THR A 306 5.91 -20.65 -2.27
C THR A 306 5.18 -19.33 -2.02
N ASN A 307 5.84 -18.23 -2.38
CA ASN A 307 5.24 -16.91 -2.15
C ASN A 307 4.06 -16.63 -3.07
N LEU A 308 4.08 -17.18 -4.29
CA LEU A 308 2.91 -17.13 -5.18
C LEU A 308 1.71 -17.93 -4.64
N ASP A 309 1.98 -19.05 -3.97
CA ASP A 309 0.91 -19.80 -3.28
C ASP A 309 0.32 -18.96 -2.14
N PHE A 310 1.18 -18.32 -1.36
CA PHE A 310 0.74 -17.45 -0.28
C PHE A 310 -0.06 -16.27 -0.81
N LEU A 311 0.43 -15.64 -1.89
CA LEU A 311 -0.32 -14.57 -2.58
C LEU A 311 -1.75 -15.00 -2.90
N PHE A 312 -1.88 -16.19 -3.49
CA PHE A 312 -3.19 -16.68 -3.91
C PHE A 312 -4.18 -16.86 -2.76
N GLN A 313 -3.68 -17.14 -1.56
CA GLN A 313 -4.51 -17.18 -0.34
C GLN A 313 -5.23 -15.86 -0.05
N GLY A 314 -4.62 -14.74 -0.44
CA GLY A 314 -5.25 -13.42 -0.31
C GLY A 314 -6.14 -12.98 -1.47
N VAL A 315 -6.29 -13.82 -2.49
CA VAL A 315 -7.09 -13.49 -3.67
C VAL A 315 -8.54 -13.83 -3.34
N ALA A 316 -9.45 -12.91 -3.70
CA ALA A 316 -10.88 -13.11 -3.49
C ALA A 316 -11.35 -14.39 -4.17
N ALA A 317 -12.17 -15.18 -3.46
CA ALA A 317 -12.72 -16.42 -4.00
C ALA A 317 -13.43 -16.18 -5.32
N GLY A 318 -13.38 -17.17 -6.20
CA GLY A 318 -13.87 -17.03 -7.56
C GLY A 318 -12.76 -17.09 -8.59
N CYS A 319 -11.58 -16.56 -8.27
CA CYS A 319 -10.45 -16.56 -9.20
C CYS A 319 -9.72 -17.89 -9.23
N THR A 320 -9.11 -18.16 -10.37
CA THR A 320 -8.35 -19.38 -10.63
C THR A 320 -6.88 -19.06 -10.45
N GLN A 321 -6.15 -19.90 -9.72
CA GLN A 321 -4.72 -19.70 -9.56
C GLN A 321 -3.99 -19.94 -10.88
N VAL A 322 -2.98 -19.11 -11.13
CA VAL A 322 -2.12 -19.24 -12.31
C VAL A 322 -0.71 -19.60 -11.87
N PHE A 323 0.00 -20.29 -12.77
CA PHE A 323 1.25 -20.95 -12.44
C PHE A 323 2.33 -20.60 -13.46
N PRO A 324 2.99 -19.45 -13.29
CA PRO A 324 3.99 -19.02 -14.28
C PRO A 324 5.25 -19.89 -14.35
N TYR A 325 5.55 -20.67 -13.31
CA TYR A 325 6.73 -21.53 -13.28
C TYR A 325 6.38 -23.01 -13.24
N GLY A 326 5.12 -23.34 -13.55
CA GLY A 326 4.60 -24.70 -13.38
C GLY A 326 4.16 -24.96 -11.96
N ARG A 327 3.76 -26.20 -11.70
CA ARG A 327 3.20 -26.61 -10.42
C ARG A 327 4.27 -27.24 -9.53
CHA HEM B . 0.12 3.36 0.46
CHB HEM B . 2.38 -0.87 1.18
CHC HEM B . -0.91 -1.83 4.66
CHD HEM B . -2.06 2.86 4.77
C1A HEM B . 0.98 2.29 0.33
C2A HEM B . 2.02 2.18 -0.62
C3A HEM B . 2.67 1.01 -0.42
C4A HEM B . 2.04 0.37 0.68
CMA HEM B . 3.86 0.49 -1.20
CAA HEM B . 2.37 3.22 -1.68
CBA HEM B . 1.27 3.36 -2.71
CGA HEM B . 1.37 4.75 -3.27
O1A HEM B . 2.12 4.95 -4.26
O2A HEM B . 0.72 5.70 -2.75
C1B HEM B . 1.63 -1.54 2.18
C2B HEM B . 1.79 -2.92 2.53
C3B HEM B . 0.89 -3.21 3.50
C4B HEM B . 0.09 -1.97 3.71
CMB HEM B . 2.81 -3.89 1.98
CAB HEM B . 0.70 -4.57 4.07
CBB HEM B . -0.45 -5.01 4.56
C1C HEM B . -1.45 -0.62 5.07
C2C HEM B . -2.14 -0.40 6.28
C3C HEM B . -2.48 0.95 6.32
C4C HEM B . -1.95 1.55 5.14
CMC HEM B . -2.47 -1.45 7.31
CAC HEM B . -3.16 1.70 7.40
CBC HEM B . -3.33 1.25 8.66
C1D HEM B . -1.60 3.34 3.53
C2D HEM B . -1.94 4.68 3.03
C3D HEM B . -1.35 4.81 1.83
C4D HEM B . -0.64 3.55 1.59
CMD HEM B . -2.80 5.72 3.71
CAD HEM B . -1.44 6.01 0.93
CBD HEM B . -0.42 7.07 1.33
CGD HEM B . -0.62 8.28 0.45
O1D HEM B . -1.21 8.17 -0.67
O2D HEM B . -0.23 9.41 0.80
NA HEM B . 1.06 1.17 1.16
NB HEM B . 0.63 -1.03 2.93
NC HEM B . -1.29 0.57 4.45
ND HEM B . -0.76 2.73 2.67
FE HEM B . -0.10 0.92 2.78
MG MG C . 3.02 6.85 -4.89
CL CL D . -9.30 -10.83 9.33
C1 NAG E . -10.68 -9.63 23.82
C2 NAG E . -11.23 -10.35 25.06
C3 NAG E . -12.00 -9.30 25.86
C4 NAG E . -11.08 -8.11 26.17
C5 NAG E . -10.64 -7.50 24.84
C6 NAG E . -9.84 -6.19 24.92
C7 NAG E . -11.71 -12.77 24.99
C8 NAG E . -12.61 -13.84 24.47
N2 NAG E . -12.01 -11.50 24.64
O3 NAG E . -12.55 -9.87 27.05
O4 NAG E . -11.76 -7.16 26.99
O5 NAG E . -9.88 -8.51 24.17
O6 NAG E . -8.47 -6.42 25.29
O7 NAG E . -10.76 -13.06 25.71
C1 NAG F . -1.51 -16.41 -17.23
C2 NAG F . -2.62 -16.14 -18.24
C3 NAG F . -3.57 -17.32 -18.31
C4 NAG F . -2.81 -18.61 -18.59
C5 NAG F . -1.60 -18.76 -17.66
C6 NAG F . -0.70 -19.92 -18.08
C7 NAG F . -3.12 -13.73 -18.46
C8 NAG F . -4.08 -12.66 -18.06
N2 NAG F . -3.40 -14.95 -17.97
O3 NAG F . -4.54 -17.09 -19.34
O4 NAG F . -3.73 -19.70 -18.43
O5 NAG F . -0.80 -17.57 -17.66
O6 NAG F . 0.09 -20.29 -16.95
O7 NAG F . -2.16 -13.48 -19.17
C1 NAG G . 5.69 18.58 -2.65
C2 NAG G . 6.99 18.71 -3.45
C3 NAG G . 7.00 20.00 -4.26
C4 NAG G . 5.76 20.03 -5.15
C5 NAG G . 4.52 19.90 -4.27
C6 NAG G . 3.17 19.92 -4.99
C7 NAG G . 8.46 19.33 -1.55
C8 NAG G . 9.76 18.99 -0.88
N2 NAG G . 8.18 18.58 -2.61
O3 NAG G . 8.21 20.08 -5.05
O4 NAG G . 5.70 21.23 -5.93
O5 NAG G . 4.59 18.67 -3.56
O6 NAG G . 3.12 18.95 -6.04
O7 NAG G . 7.73 20.22 -1.14
C1 NAG H . -18.04 13.70 5.35
C2 NAG H . -19.34 12.88 5.25
C3 NAG H . -20.47 13.71 4.66
C4 NAG H . -20.64 14.99 5.47
C5 NAG H . -19.30 15.70 5.65
C6 NAG H . -19.43 16.89 6.61
C7 NAG H . -19.08 10.42 5.09
C8 NAG H . -18.94 9.28 4.14
N2 NAG H . -19.18 11.64 4.51
O3 NAG H . -21.71 12.98 4.70
O4 NAG H . -21.57 15.81 4.77
O5 NAG H . -18.33 14.81 6.19
O6 NAG H . -19.68 16.39 7.93
O7 NAG H . -19.08 10.22 6.29
C1 NAG I . 7.68 6.11 -16.25
C2 NAG I . 8.36 5.67 -14.95
C3 NAG I . 9.06 4.34 -15.19
C4 NAG I . 8.02 3.30 -15.62
C5 NAG I . 7.21 3.79 -16.83
C6 NAG I . 6.05 2.82 -17.08
C7 NAG I . 8.99 7.69 -13.67
C8 NAG I . 10.15 8.52 -13.20
N2 NAG I . 9.33 6.62 -14.41
O3 NAG I . 9.74 3.91 -14.01
O4 NAG I . 8.69 2.08 -15.96
O5 NAG I . 6.70 5.12 -16.63
O6 NAG I . 5.07 3.39 -17.95
O7 NAG I . 7.83 7.96 -13.40
P PO4 J . 22.25 0.11 3.59
O1 PO4 J . 22.95 1.45 3.53
O2 PO4 J . 22.31 -0.53 2.23
O3 PO4 J . 20.82 0.34 4.02
O4 PO4 J . 22.94 -0.77 4.61
C1 GOL K . -6.68 8.93 20.77
O1 GOL K . -7.04 8.14 19.63
C2 GOL K . -7.93 9.43 21.49
O2 GOL K . -8.65 10.35 20.64
C3 GOL K . -7.52 10.10 22.80
O3 GOL K . -8.57 10.94 23.32
C1 GOL L . 8.99 15.51 8.80
O1 GOL L . 8.50 14.99 7.55
C2 GOL L . 10.07 14.63 9.43
O2 GOL L . 10.57 13.69 8.48
C3 GOL L . 9.54 13.93 10.69
O3 GOL L . 10.20 12.68 10.96
C1 GOL M . -2.72 20.20 11.99
O1 GOL M . -2.59 18.90 11.40
C2 GOL M . -3.28 21.23 11.01
O2 GOL M . -4.71 21.17 11.05
C3 GOL M . -2.83 20.98 9.58
O3 GOL M . -2.56 22.17 8.82
CAF SYN N . -2.64 -0.75 -0.92
CAD SYN N . -3.62 -1.40 -1.58
CAC SYN N . -4.05 -2.62 -1.09
CAE SYN N . -3.50 -3.16 0.08
CAG SYN N . -2.52 -2.49 0.76
CAH SYN N . -2.11 -1.32 0.19
CAB SYN N . -1.22 -0.58 0.79
CAA SYN N . -1.85 0.58 1.48
#